data_2OHO
#
_entry.id   2OHO
#
_cell.length_a   66.397
_cell.length_b   88.951
_cell.length_c   95.107
_cell.angle_alpha   90.00
_cell.angle_beta   90.00
_cell.angle_gamma   90.00
#
_symmetry.space_group_name_H-M   'P 21 21 21'
#
loop_
_entity.id
_entity.type
_entity.pdbx_description
1 polymer 'Glutamate Racemase'
2 non-polymer 'SULFATE ION'
3 water water
#
_entity_poly.entity_id   1
_entity_poly.type   'polypeptide(L)'
_entity_poly.pdbx_seq_one_letter_code
;GLVPRGSHMMDTRPIGFLDSGVGGLTVVCELIRQLPHEKIVYIGDSARAPYGPRPKKQIKEYTWELVNFLLTQNVKMIVF
ACNTATAVAWEEVKAALDIPVLGVVLPGASAAIKSTTKGQVGVIGTPMTVASDIYRKKIQLLAPSIQVRSLACPKFVPIV
ESNEMCSSIAKKIVYDSLAPLVGKIDTLVLGCTHYPLLRPIIQNVMGPSVKLIDSGAECVRDISVLLNYFDINGNYHQKA
VEHRFFTTANPEIFQEIASIWLKQKINVEHVTL
;
_entity_poly.pdbx_strand_id   A,B
#
loop_
_chem_comp.id
_chem_comp.type
_chem_comp.name
_chem_comp.formula
SO4 non-polymer 'SULFATE ION' 'O4 S -2'
#
# COMPACT_ATOMS: atom_id res chain seq x y z
N GLY A 1 13.88 16.16 13.23
CA GLY A 1 12.84 17.23 13.09
C GLY A 1 11.75 17.23 14.15
N LEU A 2 11.87 18.13 15.13
CA LEU A 2 10.88 18.23 16.21
C LEU A 2 9.61 18.92 15.71
N VAL A 3 8.47 18.29 15.94
CA VAL A 3 7.21 18.88 15.52
C VAL A 3 6.96 20.18 16.30
N PRO A 4 6.71 21.29 15.60
CA PRO A 4 6.46 22.58 16.27
C PRO A 4 5.35 22.50 17.32
N ARG A 5 5.61 23.06 18.50
CA ARG A 5 4.66 23.05 19.61
C ARG A 5 4.25 21.61 19.93
N GLY A 6 5.11 20.65 19.55
CA GLY A 6 4.82 19.24 19.80
C GLY A 6 5.87 18.55 20.64
N SER A 7 5.74 17.24 20.77
CA SER A 7 6.66 16.45 21.57
C SER A 7 7.49 15.36 20.87
N HIS A 8 7.14 14.99 19.64
CA HIS A 8 7.90 13.95 18.95
C HIS A 8 8.74 14.44 17.78
N MET A 9 9.71 13.63 17.41
CA MET A 9 10.62 13.89 16.30
C MET A 9 10.11 13.12 15.09
N MET A 10 10.17 13.73 13.92
CA MET A 10 9.73 13.09 12.69
C MET A 10 10.82 13.22 11.64
N ASP A 11 10.92 12.22 10.77
CA ASP A 11 11.92 12.23 9.70
C ASP A 11 11.78 13.49 8.86
N THR A 12 12.91 14.09 8.51
CA THR A 12 12.91 15.30 7.70
C THR A 12 13.61 15.10 6.35
N ARG A 13 14.18 13.91 6.16
CA ARG A 13 14.90 13.56 4.92
C ARG A 13 14.00 13.53 3.69
N PRO A 14 14.60 13.64 2.50
CA PRO A 14 13.77 13.62 1.29
C PRO A 14 13.76 12.25 0.63
N ILE A 15 12.82 12.07 -0.30
CA ILE A 15 12.72 10.81 -1.05
C ILE A 15 13.48 11.03 -2.36
N GLY A 16 14.35 10.09 -2.71
CA GLY A 16 15.15 10.22 -3.92
C GLY A 16 14.58 9.51 -5.14
N PHE A 17 14.78 10.11 -6.31
CA PHE A 17 14.32 9.55 -7.58
C PHE A 17 15.47 9.54 -8.59
N LEU A 18 15.69 8.41 -9.25
CA LEU A 18 16.73 8.35 -10.26
C LEU A 18 16.10 7.96 -11.58
N ASP A 19 16.59 8.56 -12.65
CA ASP A 19 16.08 8.29 -13.99
C ASP A 19 17.14 8.72 -14.99
N SER A 20 17.04 8.20 -16.20
CA SER A 20 17.99 8.53 -17.24
C SER A 20 17.45 9.70 -18.06
N GLY A 21 16.39 10.33 -17.55
CA GLY A 21 15.81 11.45 -18.26
C GLY A 21 14.78 12.22 -17.47
N VAL A 22 13.82 12.83 -18.18
CA VAL A 22 12.78 13.65 -17.57
C VAL A 22 11.43 12.94 -17.35
N GLY A 23 11.25 11.77 -17.93
CA GLY A 23 9.99 11.06 -17.76
C GLY A 23 9.61 10.82 -16.31
N GLY A 24 10.59 10.47 -15.49
CA GLY A 24 10.30 10.21 -14.09
C GLY A 24 9.59 11.34 -13.38
N LEU A 25 9.69 12.55 -13.91
CA LEU A 25 9.03 13.69 -13.27
C LEU A 25 7.53 13.49 -13.09
N THR A 26 6.92 12.62 -13.87
CA THR A 26 5.49 12.40 -13.70
C THR A 26 5.24 11.61 -12.42
N VAL A 27 6.22 10.82 -12.01
CA VAL A 27 6.04 10.03 -10.78
C VAL A 27 6.21 11.03 -9.66
N VAL A 28 7.05 12.02 -9.90
CA VAL A 28 7.28 13.08 -8.94
C VAL A 28 5.97 13.88 -8.77
N CYS A 29 5.29 14.16 -9.87
CA CYS A 29 4.03 14.90 -9.79
C CYS A 29 3.00 14.16 -8.95
N GLU A 30 2.92 12.85 -9.15
CA GLU A 30 1.98 12.00 -8.41
C GLU A 30 2.29 12.03 -6.91
N LEU A 31 3.58 12.12 -6.59
CA LEU A 31 4.05 12.18 -5.22
C LEU A 31 3.56 13.47 -4.56
N ILE A 32 3.80 14.59 -5.25
CA ILE A 32 3.40 15.90 -4.75
C ILE A 32 1.89 15.95 -4.47
N ARG A 33 1.10 15.36 -5.36
CA ARG A 33 -0.36 15.35 -5.23
C ARG A 33 -0.85 14.47 -4.09
N GLN A 34 -0.21 13.31 -3.92
CA GLN A 34 -0.63 12.38 -2.88
C GLN A 34 0.05 12.63 -1.53
N LEU A 35 1.33 12.97 -1.55
CA LEU A 35 2.08 13.24 -0.32
C LEU A 35 2.81 14.59 -0.45
N PRO A 36 2.05 15.69 -0.30
CA PRO A 36 2.53 17.08 -0.39
C PRO A 36 3.61 17.42 0.61
N HIS A 37 3.67 16.65 1.69
CA HIS A 37 4.60 16.87 2.78
C HIS A 37 5.95 16.20 2.63
N GLU A 38 6.17 15.49 1.52
CA GLU A 38 7.44 14.78 1.35
C GLU A 38 8.40 15.49 0.41
N LYS A 39 9.63 15.72 0.88
CA LYS A 39 10.65 16.37 0.07
C LYS A 39 11.17 15.46 -1.03
N ILE A 40 11.61 16.08 -2.12
CA ILE A 40 12.08 15.33 -3.27
C ILE A 40 13.47 15.71 -3.74
N VAL A 41 14.23 14.70 -4.15
CA VAL A 41 15.56 14.92 -4.71
C VAL A 41 15.51 14.07 -5.98
N TYR A 42 15.60 14.72 -7.14
CA TYR A 42 15.54 14.02 -8.40
C TYR A 42 16.84 14.17 -9.17
N ILE A 43 17.38 13.06 -9.65
CA ILE A 43 18.60 13.09 -10.46
C ILE A 43 18.29 12.45 -11.82
N GLY A 44 18.40 13.23 -12.88
CA GLY A 44 18.16 12.71 -14.23
C GLY A 44 19.47 12.60 -14.98
N ASP A 45 19.85 11.39 -15.39
CA ASP A 45 21.12 11.20 -16.06
C ASP A 45 21.04 11.21 -17.59
N SER A 46 20.39 12.25 -18.12
CA SER A 46 20.23 12.40 -19.56
C SER A 46 21.57 12.39 -20.32
N ALA A 47 22.66 12.75 -19.65
CA ALA A 47 23.98 12.78 -20.28
C ALA A 47 24.42 11.43 -20.81
N ARG A 48 23.84 10.35 -20.28
CA ARG A 48 24.21 9.03 -20.73
C ARG A 48 23.02 8.23 -21.25
N ALA A 49 21.95 8.94 -21.59
CA ALA A 49 20.76 8.30 -22.14
C ALA A 49 20.98 8.12 -23.64
N PRO A 50 20.36 7.08 -24.24
CA PRO A 50 19.48 6.11 -23.61
C PRO A 50 20.26 4.95 -22.98
N TYR A 51 19.78 4.53 -21.80
CA TYR A 51 20.38 3.42 -21.09
C TYR A 51 20.08 2.13 -21.85
N GLY A 52 18.84 2.01 -22.31
CA GLY A 52 18.38 0.83 -23.03
C GLY A 52 19.32 -0.11 -23.77
N PRO A 53 20.01 0.36 -24.82
CA PRO A 53 20.92 -0.51 -25.58
C PRO A 53 22.31 -0.76 -25.01
N ARG A 54 22.63 -0.11 -23.89
CA ARG A 54 23.95 -0.27 -23.32
C ARG A 54 24.12 -1.58 -22.51
N PRO A 55 25.36 -2.08 -22.40
CA PRO A 55 25.68 -3.32 -21.69
C PRO A 55 25.36 -3.22 -20.20
N LYS A 56 24.89 -4.33 -19.64
CA LYS A 56 24.54 -4.40 -18.22
C LYS A 56 25.60 -3.74 -17.34
N LYS A 57 26.86 -4.08 -17.58
CA LYS A 57 27.97 -3.54 -16.81
C LYS A 57 27.91 -2.01 -16.67
N GLN A 58 27.78 -1.31 -17.80
CA GLN A 58 27.72 0.15 -17.75
C GLN A 58 26.47 0.61 -17.06
N ILE A 59 25.35 -0.04 -17.36
CA ILE A 59 24.11 0.34 -16.73
C ILE A 59 24.21 0.20 -15.21
N LYS A 60 24.80 -0.90 -14.74
CA LYS A 60 24.95 -1.07 -13.30
C LYS A 60 25.83 0.04 -12.76
N GLU A 61 26.91 0.31 -13.48
CA GLU A 61 27.86 1.34 -13.10
C GLU A 61 27.23 2.75 -13.05
N TYR A 62 26.41 3.08 -14.04
CA TYR A 62 25.77 4.40 -14.06
C TYR A 62 24.73 4.50 -12.97
N THR A 63 23.95 3.43 -12.82
CA THR A 63 22.89 3.42 -11.82
C THR A 63 23.45 3.68 -10.43
N TRP A 64 24.56 3.02 -10.11
CA TRP A 64 25.18 3.16 -8.80
C TRP A 64 25.66 4.58 -8.56
N GLU A 65 26.11 5.25 -9.61
CA GLU A 65 26.56 6.62 -9.45
C GLU A 65 25.33 7.43 -9.08
N LEU A 66 24.21 7.19 -9.77
CA LEU A 66 22.98 7.91 -9.46
C LEU A 66 22.56 7.61 -8.01
N VAL A 67 22.74 6.35 -7.59
CA VAL A 67 22.37 5.95 -6.24
C VAL A 67 23.19 6.68 -5.21
N ASN A 68 24.50 6.70 -5.42
CA ASN A 68 25.42 7.35 -4.49
C ASN A 68 25.22 8.85 -4.43
N PHE A 69 24.89 9.45 -5.56
CA PHE A 69 24.63 10.88 -5.56
C PHE A 69 23.38 11.18 -4.70
N LEU A 70 22.40 10.29 -4.77
CA LEU A 70 21.17 10.42 -3.98
C LEU A 70 21.50 10.24 -2.50
N LEU A 71 22.38 9.28 -2.20
CA LEU A 71 22.76 9.05 -0.81
C LEU A 71 23.50 10.26 -0.24
N THR A 72 24.33 10.92 -1.05
CA THR A 72 25.04 12.07 -0.55
C THR A 72 24.02 13.18 -0.29
N GLN A 73 22.82 13.03 -0.84
CA GLN A 73 21.78 14.05 -0.61
C GLN A 73 20.94 13.66 0.60
N ASN A 74 21.37 12.63 1.31
CA ASN A 74 20.70 12.20 2.51
C ASN A 74 19.25 11.70 2.38
N VAL A 75 18.95 11.01 1.30
CA VAL A 75 17.60 10.50 1.08
C VAL A 75 17.26 9.31 2.01
N LYS A 76 15.99 9.16 2.37
CA LYS A 76 15.53 8.08 3.23
C LYS A 76 14.96 6.94 2.41
N MET A 77 14.81 7.20 1.11
CA MET A 77 14.27 6.19 0.21
C MET A 77 14.68 6.55 -1.22
N ILE A 78 14.80 5.53 -2.07
CA ILE A 78 15.17 5.75 -3.46
C ILE A 78 14.15 5.10 -4.40
N VAL A 79 13.65 5.86 -5.36
CA VAL A 79 12.69 5.33 -6.31
C VAL A 79 13.30 5.27 -7.70
N PHE A 80 13.29 4.08 -8.30
CA PHE A 80 13.78 3.87 -9.66
C PHE A 80 12.63 4.26 -10.60
N ALA A 81 12.85 5.28 -11.43
CA ALA A 81 11.83 5.70 -12.39
C ALA A 81 12.25 5.31 -13.82
N CYS A 82 13.48 4.81 -13.99
CA CYS A 82 14.02 4.38 -15.29
C CYS A 82 13.83 2.86 -15.49
N ASN A 83 13.11 2.45 -16.53
CA ASN A 83 12.85 1.03 -16.79
C ASN A 83 14.07 0.13 -16.93
N THR A 84 15.06 0.62 -17.65
CA THR A 84 16.27 -0.14 -17.89
C THR A 84 17.13 -0.26 -16.63
N ALA A 85 17.23 0.84 -15.89
CA ALA A 85 18.00 0.85 -14.66
C ALA A 85 17.35 -0.16 -13.73
N THR A 86 16.01 -0.15 -13.72
CA THR A 86 15.24 -1.07 -12.88
C THR A 86 15.48 -2.53 -13.27
N ALA A 87 15.43 -2.80 -14.57
CA ALA A 87 15.62 -4.16 -15.09
C ALA A 87 17.02 -4.70 -14.81
N VAL A 88 18.02 -3.84 -14.88
CA VAL A 88 19.40 -4.29 -14.68
C VAL A 88 20.01 -4.25 -13.26
N ALA A 89 19.78 -3.20 -12.49
CA ALA A 89 20.40 -3.13 -11.17
C ALA A 89 19.48 -2.85 -10.00
N TRP A 90 18.19 -2.83 -10.23
CA TRP A 90 17.26 -2.56 -9.15
C TRP A 90 17.40 -3.62 -8.05
N GLU A 91 17.46 -4.88 -8.46
CA GLU A 91 17.59 -5.98 -7.50
C GLU A 91 18.81 -5.90 -6.61
N GLU A 92 19.98 -5.69 -7.19
CA GLU A 92 21.20 -5.61 -6.39
C GLU A 92 21.28 -4.35 -5.53
N VAL A 93 20.78 -3.23 -6.05
CA VAL A 93 20.79 -1.99 -5.29
C VAL A 93 19.91 -2.15 -4.05
N LYS A 94 18.72 -2.67 -4.24
CA LYS A 94 17.79 -2.89 -3.12
C LYS A 94 18.34 -3.81 -2.05
N ALA A 95 19.07 -4.86 -2.45
CA ALA A 95 19.61 -5.81 -1.49
C ALA A 95 20.77 -5.21 -0.70
N ALA A 96 21.51 -4.29 -1.29
CA ALA A 96 22.67 -3.69 -0.65
C ALA A 96 22.40 -2.45 0.21
N LEU A 97 21.40 -1.66 -0.15
CA LEU A 97 21.11 -0.46 0.61
C LEU A 97 20.39 -0.73 1.93
N ASP A 98 20.54 0.19 2.86
CA ASP A 98 19.94 0.11 4.17
C ASP A 98 18.62 0.93 4.19
N ILE A 99 18.28 1.57 3.08
CA ILE A 99 17.05 2.34 2.96
C ILE A 99 16.15 1.61 1.95
N PRO A 100 14.82 1.83 2.01
CA PRO A 100 13.93 1.15 1.07
C PRO A 100 14.21 1.56 -0.38
N VAL A 101 14.21 0.60 -1.28
CA VAL A 101 14.45 0.90 -2.68
C VAL A 101 13.24 0.40 -3.47
N LEU A 102 12.59 1.30 -4.22
CA LEU A 102 11.41 0.91 -4.99
C LEU A 102 11.59 1.22 -6.44
N GLY A 103 10.72 0.62 -7.24
CA GLY A 103 10.70 0.83 -8.67
C GLY A 103 9.25 1.11 -9.06
N VAL A 104 9.06 1.53 -10.30
CA VAL A 104 7.72 1.82 -10.82
C VAL A 104 7.16 0.59 -11.53
N VAL A 105 8.04 -0.20 -12.15
CA VAL A 105 7.57 -1.36 -12.88
C VAL A 105 6.84 -2.36 -12.02
N LEU A 106 7.40 -2.68 -10.87
CA LEU A 106 6.76 -3.67 -9.97
C LEU A 106 5.31 -3.37 -9.55
N PRO A 107 5.05 -2.20 -8.93
CA PRO A 107 3.66 -1.96 -8.55
C PRO A 107 2.69 -1.90 -9.75
N GLY A 108 3.19 -1.50 -10.91
CA GLY A 108 2.32 -1.48 -12.08
C GLY A 108 1.95 -2.92 -12.46
N ALA A 109 2.95 -3.79 -12.42
CA ALA A 109 2.77 -5.20 -12.73
C ALA A 109 1.77 -5.85 -11.75
N SER A 110 2.01 -5.65 -10.46
CA SER A 110 1.17 -6.22 -9.42
C SER A 110 -0.29 -5.76 -9.52
N ALA A 111 -0.49 -4.46 -9.76
CA ALA A 111 -1.84 -3.92 -9.90
C ALA A 111 -2.54 -4.51 -11.13
N ALA A 112 -1.75 -4.84 -12.16
CA ALA A 112 -2.31 -5.43 -13.36
C ALA A 112 -2.78 -6.84 -13.02
N ILE A 113 -1.93 -7.58 -12.31
CA ILE A 113 -2.29 -8.93 -11.92
C ILE A 113 -3.58 -8.93 -11.11
N LYS A 114 -3.69 -8.00 -10.16
CA LYS A 114 -4.86 -7.95 -9.30
C LYS A 114 -6.10 -7.38 -9.94
N SER A 115 -5.92 -6.62 -11.01
CA SER A 115 -7.07 -6.02 -11.64
C SER A 115 -7.61 -6.74 -12.87
N THR A 116 -6.87 -7.69 -13.43
CA THR A 116 -7.38 -8.37 -14.63
C THR A 116 -8.58 -9.29 -14.35
N THR A 117 -9.51 -9.32 -15.30
CA THR A 117 -10.72 -10.13 -15.15
C THR A 117 -10.56 -11.47 -15.84
N LYS A 118 -10.19 -11.44 -17.12
CA LYS A 118 -10.03 -12.66 -17.89
C LYS A 118 -8.59 -13.10 -18.10
N GLY A 119 -7.64 -12.33 -17.59
CA GLY A 119 -6.23 -12.69 -17.76
C GLY A 119 -5.56 -12.22 -19.05
N GLN A 120 -6.06 -11.13 -19.62
CA GLN A 120 -5.51 -10.56 -20.86
C GLN A 120 -4.99 -9.16 -20.55
N VAL A 121 -3.68 -9.06 -20.35
CA VAL A 121 -3.08 -7.79 -20.00
C VAL A 121 -2.33 -7.14 -21.12
N GLY A 122 -2.50 -5.84 -21.28
CA GLY A 122 -1.79 -5.14 -22.33
C GLY A 122 -0.76 -4.20 -21.74
N VAL A 123 0.34 -4.00 -22.45
CA VAL A 123 1.39 -3.07 -22.03
C VAL A 123 1.80 -2.20 -23.18
N ILE A 124 1.69 -0.88 -23.01
CA ILE A 124 2.14 0.04 -24.03
C ILE A 124 3.27 0.81 -23.39
N GLY A 125 4.30 1.10 -24.18
CA GLY A 125 5.46 1.83 -23.68
C GLY A 125 6.32 2.24 -24.86
N THR A 126 7.60 2.51 -24.62
CA THR A 126 8.51 2.91 -25.69
C THR A 126 9.02 1.66 -26.39
N PRO A 127 9.57 1.82 -27.61
CA PRO A 127 10.08 0.63 -28.31
C PRO A 127 11.11 -0.11 -27.43
N MET A 128 11.91 0.67 -26.69
CA MET A 128 12.94 0.12 -25.80
C MET A 128 12.33 -0.75 -24.70
N THR A 129 11.43 -0.16 -23.92
CA THR A 129 10.80 -0.89 -22.83
C THR A 129 10.09 -2.12 -23.38
N VAL A 130 9.38 -1.96 -24.50
CA VAL A 130 8.69 -3.08 -25.12
C VAL A 130 9.74 -4.09 -25.59
N ALA A 131 10.88 -3.56 -26.05
CA ALA A 131 11.97 -4.39 -26.55
C ALA A 131 12.59 -5.24 -25.42
N SER A 132 12.71 -4.64 -24.23
CA SER A 132 13.27 -5.37 -23.10
C SER A 132 12.23 -6.35 -22.61
N ASP A 133 10.96 -6.01 -22.82
CA ASP A 133 9.84 -6.84 -22.41
C ASP A 133 9.81 -6.99 -20.89
N ILE A 134 10.31 -5.98 -20.18
CA ILE A 134 10.37 -6.06 -18.72
C ILE A 134 9.02 -6.14 -17.99
N TYR A 135 8.00 -5.45 -18.48
CA TYR A 135 6.72 -5.54 -17.81
C TYR A 135 6.17 -6.97 -17.88
N ARG A 136 6.20 -7.56 -19.08
CA ARG A 136 5.72 -8.93 -19.23
C ARG A 136 6.51 -9.87 -18.33
N LYS A 137 7.82 -9.66 -18.25
CA LYS A 137 8.66 -10.50 -17.42
C LYS A 137 8.31 -10.39 -15.93
N LYS A 138 8.10 -9.17 -15.42
CA LYS A 138 7.76 -9.02 -14.01
C LYS A 138 6.39 -9.60 -13.72
N ILE A 139 5.45 -9.31 -14.60
CA ILE A 139 4.09 -9.80 -14.46
C ILE A 139 4.06 -11.32 -14.41
N GLN A 140 4.76 -11.94 -15.37
CA GLN A 140 4.79 -13.40 -15.48
C GLN A 140 5.72 -14.11 -14.52
N LEU A 141 6.50 -13.34 -13.78
CA LEU A 141 7.40 -13.91 -12.80
C LEU A 141 6.56 -14.21 -11.58
N LEU A 142 5.47 -13.44 -11.42
CA LEU A 142 4.55 -13.57 -10.30
C LEU A 142 3.34 -14.41 -10.64
N ALA A 143 2.85 -14.27 -11.87
CA ALA A 143 1.69 -15.01 -12.32
C ALA A 143 1.96 -15.39 -13.77
N PRO A 144 2.82 -16.40 -13.97
CA PRO A 144 3.21 -16.90 -15.31
C PRO A 144 2.11 -17.16 -16.33
N SER A 145 0.91 -17.50 -15.86
CA SER A 145 -0.20 -17.79 -16.76
C SER A 145 -0.98 -16.56 -17.26
N ILE A 146 -0.52 -15.35 -16.94
CA ILE A 146 -1.22 -14.15 -17.44
C ILE A 146 -0.73 -13.88 -18.86
N GLN A 147 -1.66 -13.60 -19.76
CA GLN A 147 -1.31 -13.29 -21.14
C GLN A 147 -0.95 -11.82 -21.19
N VAL A 148 0.24 -11.52 -21.69
CA VAL A 148 0.66 -10.14 -21.81
C VAL A 148 1.01 -9.81 -23.25
N ARG A 149 0.34 -8.77 -23.75
CA ARG A 149 0.53 -8.30 -25.11
C ARG A 149 1.17 -6.90 -24.97
N SER A 150 2.35 -6.73 -25.56
CA SER A 150 3.06 -5.45 -25.45
C SER A 150 3.20 -4.73 -26.78
N LEU A 151 2.82 -3.47 -26.80
CA LEU A 151 2.88 -2.68 -28.03
C LEU A 151 3.63 -1.36 -27.84
N ALA A 152 4.54 -1.07 -28.78
CA ALA A 152 5.32 0.17 -28.73
C ALA A 152 4.47 1.29 -29.29
N CYS A 153 4.59 2.48 -28.70
CA CYS A 153 3.82 3.65 -29.15
C CYS A 153 4.81 4.81 -29.30
N PRO A 154 5.73 4.69 -30.27
CA PRO A 154 6.77 5.68 -30.57
C PRO A 154 6.35 7.13 -30.79
N LYS A 155 5.07 7.35 -31.09
CA LYS A 155 4.60 8.72 -31.29
C LYS A 155 4.09 9.34 -29.99
N PHE A 156 3.96 8.52 -28.95
CA PHE A 156 3.47 8.98 -27.66
C PHE A 156 4.36 9.96 -26.92
N VAL A 157 5.62 9.61 -26.71
CA VAL A 157 6.52 10.51 -26.00
C VAL A 157 6.61 11.89 -26.64
N PRO A 158 6.79 11.96 -27.97
CA PRO A 158 6.88 13.26 -28.65
C PRO A 158 5.63 14.13 -28.44
N ILE A 159 4.47 13.50 -28.49
CA ILE A 159 3.19 14.20 -28.30
C ILE A 159 3.09 14.82 -26.91
N VAL A 160 3.63 14.12 -25.92
CA VAL A 160 3.59 14.56 -24.53
C VAL A 160 4.47 15.80 -24.31
N GLU A 161 5.68 15.77 -24.88
CA GLU A 161 6.59 16.90 -24.74
C GLU A 161 6.25 18.00 -25.75
N SER A 167 -5.15 18.57 -28.88
CA SER A 167 -5.03 18.63 -30.33
C SER A 167 -5.74 17.43 -30.93
N SER A 168 -6.34 17.63 -32.10
CA SER A 168 -7.07 16.56 -32.80
C SER A 168 -6.11 15.55 -33.42
N ILE A 169 -4.91 16.00 -33.75
CA ILE A 169 -3.92 15.11 -34.35
C ILE A 169 -3.52 14.09 -33.29
N ALA A 170 -3.28 14.57 -32.07
CA ALA A 170 -2.91 13.73 -30.95
C ALA A 170 -3.96 12.62 -30.79
N LYS A 171 -5.22 13.03 -30.86
CA LYS A 171 -6.32 12.10 -30.75
C LYS A 171 -6.16 10.97 -31.78
N LYS A 172 -6.01 11.34 -33.05
CA LYS A 172 -5.85 10.35 -34.13
C LYS A 172 -4.69 9.40 -33.86
N ILE A 173 -3.55 9.96 -33.50
CA ILE A 173 -2.36 9.17 -33.23
C ILE A 173 -2.61 8.09 -32.17
N VAL A 174 -3.23 8.46 -31.06
CA VAL A 174 -3.51 7.48 -30.01
C VAL A 174 -4.42 6.39 -30.57
N TYR A 175 -5.51 6.81 -31.20
CA TYR A 175 -6.45 5.85 -31.78
C TYR A 175 -5.77 4.85 -32.69
N ASP A 176 -4.85 5.31 -33.54
CA ASP A 176 -4.17 4.39 -34.46
C ASP A 176 -3.10 3.55 -33.77
N SER A 177 -2.40 4.13 -32.80
CA SER A 177 -1.37 3.39 -32.10
C SER A 177 -1.94 2.25 -31.26
N LEU A 178 -3.05 2.48 -30.58
CA LEU A 178 -3.64 1.43 -29.75
C LEU A 178 -4.54 0.42 -30.48
N ALA A 179 -4.93 0.74 -31.71
CA ALA A 179 -5.80 -0.11 -32.51
C ALA A 179 -5.59 -1.62 -32.37
N PRO A 180 -4.34 -2.09 -32.56
CA PRO A 180 -4.03 -3.53 -32.45
C PRO A 180 -4.42 -4.13 -31.10
N LEU A 181 -4.60 -3.27 -30.11
CA LEU A 181 -4.95 -3.74 -28.77
C LEU A 181 -6.45 -3.75 -28.49
N VAL A 182 -7.16 -2.80 -29.09
CA VAL A 182 -8.59 -2.65 -28.91
C VAL A 182 -9.36 -3.96 -28.96
N GLY A 183 -10.20 -4.17 -27.95
CA GLY A 183 -11.01 -5.36 -27.90
C GLY A 183 -10.26 -6.66 -27.64
N LYS A 184 -8.96 -6.61 -27.35
CA LYS A 184 -8.23 -7.86 -27.09
C LYS A 184 -7.71 -8.04 -25.66
N ILE A 185 -7.90 -7.04 -24.80
CA ILE A 185 -7.44 -7.13 -23.42
C ILE A 185 -8.46 -6.52 -22.47
N ASP A 186 -8.31 -6.80 -21.17
CA ASP A 186 -9.21 -6.25 -20.18
C ASP A 186 -8.46 -5.27 -19.27
N THR A 187 -7.15 -5.27 -19.38
CA THR A 187 -6.30 -4.40 -18.57
C THR A 187 -5.12 -3.87 -19.38
N LEU A 188 -4.74 -2.62 -19.13
CA LEU A 188 -3.65 -2.01 -19.86
C LEU A 188 -2.66 -1.25 -18.95
N VAL A 189 -1.40 -1.61 -19.01
CA VAL A 189 -0.40 -0.93 -18.21
C VAL A 189 0.17 0.26 -18.98
N LEU A 190 0.26 1.41 -18.35
CA LEU A 190 0.87 2.56 -18.99
C LEU A 190 2.35 2.36 -18.66
N GLY A 191 3.06 1.63 -19.52
CA GLY A 191 4.47 1.33 -19.28
C GLY A 191 5.55 2.36 -19.58
N CYS A 192 5.16 3.61 -19.73
CA CYS A 192 6.09 4.70 -19.99
C CYS A 192 5.64 5.85 -19.08
N THR A 193 6.57 6.39 -18.32
CA THR A 193 6.24 7.45 -17.39
C THR A 193 5.66 8.70 -18.08
N HIS A 194 5.83 8.82 -19.39
CA HIS A 194 5.28 9.96 -20.12
C HIS A 194 3.78 9.80 -20.39
N TYR A 195 3.32 8.55 -20.51
CA TYR A 195 1.92 8.29 -20.85
C TYR A 195 0.81 8.71 -19.90
N PRO A 196 1.12 8.97 -18.62
CA PRO A 196 0.00 9.38 -17.75
C PRO A 196 -0.65 10.70 -18.25
N LEU A 197 0.06 11.44 -19.09
CA LEU A 197 -0.47 12.70 -19.62
C LEU A 197 -1.47 12.47 -20.75
N LEU A 198 -1.49 11.25 -21.30
CA LEU A 198 -2.41 10.92 -22.38
C LEU A 198 -3.54 10.01 -21.91
N ARG A 199 -3.64 9.79 -20.60
CA ARG A 199 -4.66 8.90 -20.05
C ARG A 199 -6.12 9.06 -20.53
N PRO A 200 -6.65 10.28 -20.49
CA PRO A 200 -8.04 10.48 -20.93
C PRO A 200 -8.33 9.98 -22.35
N ILE A 201 -7.41 10.27 -23.28
CA ILE A 201 -7.57 9.84 -24.66
C ILE A 201 -7.45 8.34 -24.76
N ILE A 202 -6.50 7.78 -24.02
CA ILE A 202 -6.30 6.33 -24.03
C ILE A 202 -7.54 5.66 -23.47
N GLN A 203 -8.11 6.21 -22.41
CA GLN A 203 -9.31 5.59 -21.85
C GLN A 203 -10.38 5.61 -22.93
N ASN A 204 -10.46 6.70 -23.67
CA ASN A 204 -11.44 6.83 -24.74
C ASN A 204 -11.23 5.83 -25.87
N VAL A 205 -9.97 5.55 -26.21
CA VAL A 205 -9.67 4.61 -27.28
C VAL A 205 -9.92 3.16 -26.86
N MET A 206 -9.62 2.85 -25.61
CA MET A 206 -9.82 1.48 -25.14
C MET A 206 -11.26 1.17 -24.75
N GLY A 207 -12.01 2.20 -24.42
CA GLY A 207 -13.39 1.98 -24.04
C GLY A 207 -13.50 1.73 -22.55
N PRO A 208 -14.72 1.65 -22.04
CA PRO A 208 -14.94 1.40 -20.61
C PRO A 208 -14.69 -0.04 -20.18
N SER A 209 -14.44 -0.92 -21.15
CA SER A 209 -14.19 -2.35 -20.88
C SER A 209 -12.76 -2.65 -20.46
N VAL A 210 -11.88 -1.68 -20.59
CA VAL A 210 -10.49 -1.86 -20.23
C VAL A 210 -10.10 -0.97 -19.06
N LYS A 211 -9.43 -1.55 -18.08
CA LYS A 211 -8.99 -0.77 -16.93
C LYS A 211 -7.55 -0.32 -17.17
N LEU A 212 -7.28 0.96 -16.91
CA LEU A 212 -5.95 1.52 -17.08
C LEU A 212 -5.17 1.49 -15.78
N ILE A 213 -3.93 1.03 -15.87
CA ILE A 213 -3.05 0.93 -14.73
C ILE A 213 -1.89 1.92 -14.88
N ASP A 214 -1.84 2.90 -13.98
CA ASP A 214 -0.79 3.89 -14.00
C ASP A 214 0.28 3.43 -13.00
N SER A 215 1.37 2.89 -13.52
CA SER A 215 2.47 2.37 -12.70
C SER A 215 3.03 3.40 -11.73
N GLY A 216 3.09 4.66 -12.15
CA GLY A 216 3.61 5.69 -11.29
C GLY A 216 2.72 5.91 -10.08
N ALA A 217 1.42 5.93 -10.30
CA ALA A 217 0.47 6.13 -9.22
C ALA A 217 0.49 4.95 -8.25
N GLU A 218 0.56 3.74 -8.80
CA GLU A 218 0.61 2.54 -7.99
C GLU A 218 1.83 2.60 -7.08
N CYS A 219 2.95 3.03 -7.68
CA CYS A 219 4.21 3.16 -6.99
C CYS A 219 4.06 4.15 -5.85
N VAL A 220 3.45 5.31 -6.12
CA VAL A 220 3.26 6.32 -5.09
C VAL A 220 2.41 5.76 -3.94
N ARG A 221 1.49 4.86 -4.26
CA ARG A 221 0.67 4.24 -3.21
C ARG A 221 1.59 3.38 -2.35
N ASP A 222 2.50 2.63 -2.98
CA ASP A 222 3.43 1.79 -2.20
C ASP A 222 4.28 2.68 -1.30
N ILE A 223 4.76 3.79 -1.83
CA ILE A 223 5.58 4.71 -1.05
C ILE A 223 4.89 5.06 0.28
N SER A 224 3.61 5.42 0.20
CA SER A 224 2.84 5.80 1.39
C SER A 224 2.82 4.74 2.49
N VAL A 225 2.57 3.49 2.10
CA VAL A 225 2.54 2.38 3.04
C VAL A 225 3.94 2.05 3.56
N LEU A 226 4.94 2.08 2.68
CA LEU A 226 6.30 1.77 3.09
C LEU A 226 6.93 2.83 4.00
N LEU A 227 6.62 4.10 3.78
CA LEU A 227 7.17 5.13 4.66
C LEU A 227 6.66 4.85 6.08
N ASN A 228 5.37 4.53 6.18
CA ASN A 228 4.82 4.23 7.50
C ASN A 228 5.40 2.92 8.07
N TYR A 229 5.45 1.89 7.24
CA TYR A 229 5.99 0.63 7.71
C TYR A 229 7.38 0.79 8.26
N PHE A 230 8.21 1.61 7.62
CA PHE A 230 9.58 1.77 8.08
C PHE A 230 9.77 2.94 9.05
N ASP A 231 8.67 3.59 9.42
CA ASP A 231 8.69 4.71 10.35
C ASP A 231 9.56 5.86 9.94
N ILE A 232 9.57 6.20 8.66
CA ILE A 232 10.39 7.29 8.17
C ILE A 232 9.51 8.32 7.47
N ASN A 233 8.28 8.39 7.92
CA ASN A 233 7.32 9.32 7.34
C ASN A 233 7.54 10.70 7.91
N GLY A 234 7.24 11.71 7.10
CA GLY A 234 7.39 13.06 7.56
C GLY A 234 6.07 13.54 8.14
N ASN A 235 6.12 14.71 8.79
CA ASN A 235 4.95 15.36 9.38
C ASN A 235 3.95 15.64 8.26
N TYR A 236 2.75 15.07 8.37
CA TYR A 236 1.70 15.23 7.37
C TYR A 236 1.24 16.66 7.18
N HIS A 237 1.39 17.49 8.21
CA HIS A 237 0.94 18.86 8.07
C HIS A 237 2.02 19.78 7.55
N GLN A 238 3.25 19.29 7.48
CA GLN A 238 4.33 20.12 6.98
C GLN A 238 4.41 20.07 5.45
N LYS A 239 3.89 21.11 4.80
CA LYS A 239 3.98 21.20 3.36
C LYS A 239 5.47 21.23 3.02
N ALA A 240 5.87 20.55 1.95
CA ALA A 240 7.27 20.55 1.54
C ALA A 240 7.46 21.39 0.28
N VAL A 241 8.57 22.12 0.20
CA VAL A 241 8.84 22.95 -0.97
C VAL A 241 10.32 22.88 -1.37
N GLU A 242 11.16 22.49 -0.42
CA GLU A 242 12.60 22.41 -0.66
C GLU A 242 12.95 21.24 -1.61
N HIS A 243 12.33 21.23 -2.79
CA HIS A 243 12.56 20.17 -3.76
C HIS A 243 13.79 20.39 -4.64
N ARG A 244 14.67 19.41 -4.70
CA ARG A 244 15.88 19.50 -5.50
C ARG A 244 15.81 18.69 -6.79
N PHE A 245 16.17 19.32 -7.92
CA PHE A 245 16.17 18.64 -9.22
C PHE A 245 17.53 18.71 -9.89
N PHE A 246 18.08 17.54 -10.23
CA PHE A 246 19.38 17.51 -10.88
C PHE A 246 19.35 16.79 -12.22
N THR A 247 20.23 17.19 -13.11
CA THR A 247 20.34 16.58 -14.43
C THR A 247 21.81 16.61 -14.78
N THR A 248 22.27 15.67 -15.59
CA THR A 248 23.67 15.64 -15.97
C THR A 248 23.86 16.27 -17.34
N ALA A 249 22.77 16.71 -17.94
CA ALA A 249 22.81 17.32 -19.25
C ALA A 249 21.54 18.09 -19.60
N ASN A 250 21.68 19.04 -20.51
CA ASN A 250 20.61 19.89 -21.01
C ASN A 250 19.56 20.33 -19.99
N PRO A 251 19.97 21.17 -19.02
CA PRO A 251 19.08 21.67 -17.98
C PRO A 251 17.98 22.59 -18.55
N GLU A 252 18.29 23.26 -19.66
CA GLU A 252 17.34 24.18 -20.29
C GLU A 252 16.00 23.50 -20.59
N ILE A 253 16.05 22.45 -21.39
CA ILE A 253 14.85 21.73 -21.75
C ILE A 253 14.29 20.99 -20.53
N PHE A 254 15.17 20.60 -19.62
CA PHE A 254 14.73 19.89 -18.42
C PHE A 254 13.80 20.80 -17.62
N GLN A 255 14.21 22.06 -17.45
CA GLN A 255 13.43 23.07 -16.73
C GLN A 255 12.16 23.33 -17.50
N GLU A 256 12.26 23.30 -18.82
CA GLU A 256 11.11 23.54 -19.67
C GLU A 256 10.01 22.53 -19.36
N ILE A 257 10.33 21.26 -19.56
CA ILE A 257 9.39 20.18 -19.32
C ILE A 257 8.96 20.09 -17.86
N ALA A 258 9.92 20.26 -16.94
CA ALA A 258 9.63 20.20 -15.51
C ALA A 258 8.66 21.31 -15.10
N SER A 259 9.03 22.56 -15.35
CA SER A 259 8.18 23.68 -14.99
C SER A 259 6.76 23.44 -15.47
N ILE A 260 6.64 22.96 -16.70
CA ILE A 260 5.34 22.69 -17.29
C ILE A 260 4.53 21.61 -16.59
N TRP A 261 5.10 20.41 -16.42
CA TRP A 261 4.37 19.32 -15.76
C TRP A 261 4.05 19.62 -14.30
N LEU A 262 5.04 20.12 -13.56
CA LEU A 262 4.83 20.44 -12.15
C LEU A 262 4.04 21.73 -11.96
N LYS A 263 3.76 22.40 -13.07
CA LYS A 263 2.98 23.63 -13.06
C LYS A 263 3.55 24.68 -12.10
N GLN A 264 4.87 24.77 -12.06
CA GLN A 264 5.56 25.73 -11.20
C GLN A 264 6.99 25.82 -11.68
N LYS A 265 7.54 27.03 -11.66
CA LYS A 265 8.91 27.23 -12.11
C LYS A 265 9.83 26.47 -11.17
N ILE A 266 10.36 25.34 -11.62
CA ILE A 266 11.26 24.57 -10.77
C ILE A 266 12.68 24.89 -11.21
N ASN A 267 13.63 24.83 -10.28
CA ASN A 267 15.02 25.14 -10.62
C ASN A 267 15.88 23.89 -10.74
N VAL A 268 16.50 23.72 -11.90
CA VAL A 268 17.34 22.58 -12.16
C VAL A 268 18.81 22.90 -11.97
N GLU A 269 19.51 22.00 -11.30
CA GLU A 269 20.93 22.18 -11.09
C GLU A 269 21.67 21.18 -11.96
N HIS A 270 22.61 21.68 -12.76
CA HIS A 270 23.39 20.84 -13.65
C HIS A 270 24.55 20.28 -12.85
N VAL A 271 24.79 18.98 -12.93
CA VAL A 271 25.90 18.41 -12.17
C VAL A 271 26.78 17.44 -12.93
N THR A 272 27.95 17.15 -12.37
CA THR A 272 28.86 16.22 -12.98
C THR A 272 29.15 15.09 -12.02
N LEU A 273 28.86 13.86 -12.45
CA LEU A 273 29.10 12.70 -11.61
C LEU A 273 30.47 12.11 -11.91
N MET B 10 7.90 -18.69 -5.88
CA MET B 10 6.64 -18.40 -5.15
C MET B 10 6.66 -19.01 -3.76
N ASP B 11 6.36 -18.16 -2.77
CA ASP B 11 6.35 -18.51 -1.38
C ASP B 11 4.98 -19.06 -0.90
N THR B 12 4.88 -20.39 -0.86
CA THR B 12 3.66 -21.06 -0.46
C THR B 12 3.40 -21.03 1.04
N ARG B 13 4.28 -20.39 1.80
CA ARG B 13 4.11 -20.32 3.22
C ARG B 13 2.83 -19.58 3.61
N PRO B 14 2.28 -19.89 4.80
CA PRO B 14 1.06 -19.19 5.21
C PRO B 14 1.32 -17.86 5.88
N ILE B 15 0.32 -17.01 5.86
CA ILE B 15 0.43 -15.72 6.54
C ILE B 15 -0.18 -15.97 7.92
N GLY B 16 0.49 -15.55 8.97
CA GLY B 16 -0.03 -15.76 10.31
C GLY B 16 -0.86 -14.62 10.89
N PHE B 17 -1.86 -14.98 11.68
CA PHE B 17 -2.73 -14.00 12.32
C PHE B 17 -2.86 -14.35 13.79
N LEU B 18 -2.60 -13.39 14.67
CA LEU B 18 -2.78 -13.68 16.08
C LEU B 18 -3.87 -12.80 16.62
N ASP B 19 -4.57 -13.32 17.63
CA ASP B 19 -5.68 -12.61 18.22
C ASP B 19 -5.88 -13.02 19.67
N SER B 20 -6.24 -12.04 20.49
CA SER B 20 -6.48 -12.29 21.89
C SER B 20 -7.87 -12.89 21.99
N GLY B 21 -8.70 -12.60 20.99
CA GLY B 21 -10.05 -13.12 21.00
C GLY B 21 -10.36 -13.89 19.74
N VAL B 22 -11.46 -13.54 19.10
CA VAL B 22 -11.89 -14.21 17.89
C VAL B 22 -12.31 -13.17 16.87
N GLY B 23 -12.45 -11.92 17.30
CA GLY B 23 -12.84 -10.86 16.36
C GLY B 23 -11.89 -10.77 15.18
N GLY B 24 -10.62 -11.10 15.40
CA GLY B 24 -9.64 -11.06 14.33
C GLY B 24 -10.04 -11.92 13.14
N LEU B 25 -11.02 -12.80 13.34
CA LEU B 25 -11.48 -13.66 12.25
C LEU B 25 -11.98 -12.81 11.11
N THR B 26 -12.43 -11.60 11.41
CA THR B 26 -12.94 -10.72 10.35
C THR B 26 -11.80 -10.23 9.45
N VAL B 27 -10.59 -10.10 10.00
CA VAL B 27 -9.47 -9.65 9.16
C VAL B 27 -9.12 -10.81 8.21
N VAL B 28 -9.23 -12.04 8.73
CA VAL B 28 -8.94 -13.24 7.96
C VAL B 28 -9.90 -13.30 6.76
N CYS B 29 -11.19 -13.03 7.03
CA CYS B 29 -12.20 -13.01 5.98
C CYS B 29 -11.80 -12.02 4.91
N GLU B 30 -11.35 -10.84 5.36
CA GLU B 30 -10.94 -9.80 4.44
C GLU B 30 -9.76 -10.35 3.62
N LEU B 31 -8.85 -11.05 4.28
CA LEU B 31 -7.72 -11.62 3.55
C LEU B 31 -8.21 -12.57 2.45
N ILE B 32 -9.13 -13.46 2.81
CA ILE B 32 -9.66 -14.42 1.86
C ILE B 32 -10.32 -13.76 0.65
N ARG B 33 -11.00 -12.65 0.90
CA ARG B 33 -11.67 -11.93 -0.16
C ARG B 33 -10.70 -11.22 -1.09
N GLN B 34 -9.68 -10.58 -0.53
CA GLN B 34 -8.73 -9.84 -1.34
C GLN B 34 -7.55 -10.64 -1.87
N LEU B 35 -7.17 -11.68 -1.14
CA LEU B 35 -6.02 -12.49 -1.53
C LEU B 35 -6.40 -13.97 -1.38
N PRO B 36 -7.30 -14.46 -2.24
CA PRO B 36 -7.80 -15.85 -2.26
C PRO B 36 -6.69 -16.89 -2.33
N HIS B 37 -5.53 -16.49 -2.85
CA HIS B 37 -4.42 -17.40 -3.03
C HIS B 37 -3.49 -17.61 -1.83
N GLU B 38 -3.61 -16.78 -0.80
CA GLU B 38 -2.71 -16.89 0.34
C GLU B 38 -3.25 -17.77 1.49
N LYS B 39 -2.43 -18.72 1.93
CA LYS B 39 -2.85 -19.58 3.02
C LYS B 39 -2.83 -18.84 4.35
N ILE B 40 -3.66 -19.31 5.26
CA ILE B 40 -3.79 -18.69 6.57
C ILE B 40 -3.55 -19.64 7.72
N VAL B 41 -2.90 -19.09 8.75
CA VAL B 41 -2.67 -19.78 10.01
C VAL B 41 -3.14 -18.75 11.04
N TYR B 42 -4.22 -19.10 11.72
CA TYR B 42 -4.83 -18.21 12.68
C TYR B 42 -4.87 -18.83 14.07
N ILE B 43 -4.69 -18.00 15.09
CA ILE B 43 -4.77 -18.50 16.45
C ILE B 43 -5.32 -17.40 17.36
N GLY B 44 -6.38 -17.71 18.10
CA GLY B 44 -6.95 -16.71 18.98
C GLY B 44 -7.63 -17.27 20.23
N ARG B 54 -6.50 -7.13 31.90
CA ARG B 54 -5.29 -7.79 32.41
C ARG B 54 -4.08 -6.86 32.25
N PRO B 55 -3.10 -6.96 33.17
CA PRO B 55 -1.89 -6.11 33.13
C PRO B 55 -1.14 -6.16 31.79
N LYS B 56 -0.14 -5.28 31.63
CA LYS B 56 0.61 -5.25 30.38
C LYS B 56 1.55 -6.43 30.24
N LYS B 57 2.59 -6.47 31.07
CA LYS B 57 3.57 -7.54 31.05
C LYS B 57 2.95 -8.90 30.78
N GLN B 58 1.74 -9.12 31.30
CA GLN B 58 1.06 -10.40 31.10
C GLN B 58 0.55 -10.53 29.67
N ILE B 59 -0.06 -9.48 29.15
CA ILE B 59 -0.57 -9.51 27.80
C ILE B 59 0.62 -9.61 26.84
N LYS B 60 1.73 -9.00 27.22
CA LYS B 60 2.91 -9.04 26.39
C LYS B 60 3.37 -10.48 26.26
N GLU B 61 3.60 -11.14 27.40
CA GLU B 61 4.02 -12.53 27.39
C GLU B 61 3.06 -13.43 26.64
N TYR B 62 1.77 -13.24 26.89
CA TYR B 62 0.78 -14.05 26.21
C TYR B 62 0.93 -13.89 24.71
N THR B 63 1.14 -12.65 24.26
CA THR B 63 1.29 -12.39 22.84
C THR B 63 2.51 -13.12 22.27
N TRP B 64 3.63 -13.04 22.97
CA TRP B 64 4.85 -13.72 22.53
C TRP B 64 4.62 -15.21 22.34
N GLU B 65 3.81 -15.80 23.21
CA GLU B 65 3.50 -17.23 23.08
C GLU B 65 2.71 -17.47 21.80
N LEU B 66 1.84 -16.53 21.45
CA LEU B 66 1.07 -16.63 20.22
C LEU B 66 2.01 -16.49 19.03
N VAL B 67 2.96 -15.57 19.12
CA VAL B 67 3.92 -15.35 18.04
C VAL B 67 4.79 -16.59 17.88
N ASN B 68 5.23 -17.16 19.00
CA ASN B 68 6.06 -18.36 18.99
C ASN B 68 5.32 -19.48 18.28
N PHE B 69 4.02 -19.58 18.53
CA PHE B 69 3.21 -20.62 17.89
C PHE B 69 3.19 -20.44 16.37
N LEU B 70 2.88 -19.24 15.93
CA LEU B 70 2.84 -18.93 14.50
C LEU B 70 4.18 -19.25 13.84
N LEU B 71 5.29 -18.93 14.53
CA LEU B 71 6.59 -19.19 13.94
C LEU B 71 6.85 -20.69 13.75
N THR B 72 6.31 -21.52 14.65
CA THR B 72 6.49 -22.97 14.51
C THR B 72 5.61 -23.45 13.35
N GLN B 73 4.65 -22.64 12.93
CA GLN B 73 3.79 -23.02 11.80
C GLN B 73 4.39 -22.54 10.47
N ASN B 74 5.61 -22.01 10.54
CA ASN B 74 6.32 -21.58 9.35
C ASN B 74 5.62 -20.46 8.55
N VAL B 75 5.14 -19.44 9.23
CA VAL B 75 4.47 -18.34 8.55
C VAL B 75 5.51 -17.35 7.99
N LYS B 76 5.19 -16.73 6.87
CA LYS B 76 6.09 -15.78 6.22
C LYS B 76 5.74 -14.36 6.63
N MET B 77 4.72 -14.21 7.48
CA MET B 77 4.31 -12.89 7.91
C MET B 77 3.38 -13.05 9.09
N ILE B 78 3.38 -12.07 9.98
CA ILE B 78 2.50 -12.10 11.14
C ILE B 78 1.66 -10.84 11.24
N VAL B 79 0.35 -11.03 11.29
CA VAL B 79 -0.57 -9.93 11.40
C VAL B 79 -1.22 -9.93 12.76
N PHE B 80 -1.15 -8.80 13.47
CA PHE B 80 -1.82 -8.69 14.77
C PHE B 80 -3.29 -8.31 14.52
N ALA B 81 -4.20 -9.23 14.76
CA ALA B 81 -5.63 -8.95 14.56
C ALA B 81 -6.19 -8.15 15.73
N CYS B 82 -5.97 -8.63 16.94
CA CYS B 82 -6.43 -7.94 18.14
C CYS B 82 -5.87 -6.51 18.20
N ASN B 83 -6.60 -5.57 18.81
CA ASN B 83 -6.14 -4.19 18.93
C ASN B 83 -5.32 -3.96 20.21
N THR B 84 -5.66 -4.64 21.30
CA THR B 84 -4.90 -4.46 22.53
C THR B 84 -3.54 -5.13 22.42
N ALA B 85 -3.47 -6.26 21.72
CA ALA B 85 -2.20 -6.95 21.54
C ALA B 85 -1.27 -6.02 20.74
N THR B 86 -1.81 -5.44 19.67
CA THR B 86 -1.04 -4.50 18.85
C THR B 86 -0.51 -3.37 19.73
N ALA B 87 -1.39 -2.80 20.53
CA ALA B 87 -0.98 -1.69 21.39
C ALA B 87 0.12 -2.11 22.36
N VAL B 88 0.04 -3.34 22.85
CA VAL B 88 1.01 -3.84 23.82
C VAL B 88 2.34 -4.40 23.29
N ALA B 89 2.28 -5.30 22.31
CA ALA B 89 3.51 -5.90 21.82
C ALA B 89 3.88 -5.81 20.34
N TRP B 90 3.00 -5.24 19.50
CA TRP B 90 3.28 -5.16 18.07
C TRP B 90 4.67 -4.58 17.74
N GLU B 91 4.99 -3.40 18.25
CA GLU B 91 6.29 -2.80 17.95
C GLU B 91 7.49 -3.58 18.49
N GLU B 92 7.30 -4.31 19.58
CA GLU B 92 8.39 -5.07 20.17
C GLU B 92 8.71 -6.30 19.32
N VAL B 93 7.66 -7.02 18.95
CA VAL B 93 7.79 -8.20 18.14
C VAL B 93 8.30 -7.86 16.74
N LYS B 94 7.80 -6.77 16.17
CA LYS B 94 8.21 -6.35 14.84
C LYS B 94 9.70 -6.04 14.78
N ALA B 95 10.21 -5.43 15.84
CA ALA B 95 11.61 -5.09 15.88
C ALA B 95 12.49 -6.31 16.10
N ALA B 96 11.90 -7.39 16.61
CA ALA B 96 12.66 -8.61 16.90
C ALA B 96 12.56 -9.75 15.90
N LEU B 97 11.67 -9.65 14.90
CA LEU B 97 11.52 -10.75 13.94
C LEU B 97 12.17 -10.46 12.57
N ASP B 98 12.46 -11.52 11.82
CA ASP B 98 13.07 -11.38 10.51
C ASP B 98 12.02 -11.41 9.41
N ILE B 99 10.75 -11.49 9.81
CA ILE B 99 9.69 -11.50 8.83
C ILE B 99 8.83 -10.27 9.07
N PRO B 100 8.11 -9.82 8.05
CA PRO B 100 7.25 -8.64 8.21
C PRO B 100 6.24 -8.88 9.35
N VAL B 101 5.86 -7.80 10.01
CA VAL B 101 4.87 -7.88 11.07
C VAL B 101 4.08 -6.59 11.03
N LEU B 102 2.76 -6.68 11.13
CA LEU B 102 1.97 -5.46 11.14
C LEU B 102 0.72 -5.65 11.95
N GLY B 103 0.11 -4.53 12.32
CA GLY B 103 -1.12 -4.57 13.10
C GLY B 103 -2.20 -3.86 12.33
N VAL B 104 -3.40 -3.78 12.87
CA VAL B 104 -4.48 -3.11 12.17
C VAL B 104 -4.60 -1.65 12.50
N VAL B 105 -4.05 -1.24 13.64
CA VAL B 105 -4.17 0.14 14.06
C VAL B 105 -3.54 1.18 13.14
N LEU B 106 -2.26 1.01 12.79
CA LEU B 106 -1.59 1.96 11.93
C LEU B 106 -2.34 2.14 10.59
N PRO B 107 -2.65 1.04 9.88
CA PRO B 107 -3.37 1.25 8.61
C PRO B 107 -4.73 1.93 8.80
N GLY B 108 -5.42 1.63 9.89
CA GLY B 108 -6.68 2.30 10.11
C GLY B 108 -6.37 3.77 10.35
N ALA B 109 -5.34 4.02 11.14
CA ALA B 109 -4.93 5.39 11.44
C ALA B 109 -4.63 6.15 10.16
N SER B 110 -3.83 5.54 9.29
CA SER B 110 -3.45 6.20 8.05
C SER B 110 -4.63 6.46 7.12
N ALA B 111 -5.58 5.52 7.07
CA ALA B 111 -6.75 5.70 6.22
C ALA B 111 -7.65 6.84 6.74
N ALA B 112 -7.81 6.94 8.06
CA ALA B 112 -8.65 8.01 8.64
C ALA B 112 -8.11 9.40 8.29
N ILE B 113 -6.79 9.54 8.35
CA ILE B 113 -6.09 10.78 8.06
C ILE B 113 -6.29 11.21 6.61
N LYS B 114 -6.27 10.24 5.70
CA LYS B 114 -6.45 10.52 4.28
C LYS B 114 -7.92 10.73 3.96
N SER B 115 -8.78 10.09 4.75
CA SER B 115 -10.21 10.17 4.57
C SER B 115 -10.92 11.33 5.31
N THR B 116 -10.24 11.92 6.30
CA THR B 116 -10.84 13.01 7.08
C THR B 116 -11.05 14.34 6.32
N THR B 117 -12.23 14.92 6.51
CA THR B 117 -12.59 16.18 5.86
C THR B 117 -12.25 17.41 6.71
N LYS B 118 -12.85 17.47 7.91
CA LYS B 118 -12.64 18.58 8.82
C LYS B 118 -11.57 18.29 9.88
N GLY B 119 -11.01 17.09 9.83
CA GLY B 119 -9.99 16.72 10.79
C GLY B 119 -10.63 16.27 12.09
N GLN B 120 -11.95 16.04 12.04
CA GLN B 120 -12.67 15.57 13.20
C GLN B 120 -12.83 14.07 13.09
N VAL B 121 -11.96 13.34 13.78
CA VAL B 121 -12.00 11.89 13.73
C VAL B 121 -12.37 11.27 15.06
N GLY B 122 -13.20 10.24 14.99
CA GLY B 122 -13.61 9.55 16.19
C GLY B 122 -13.20 8.09 16.08
N VAL B 123 -13.16 7.43 17.21
CA VAL B 123 -12.78 6.03 17.25
C VAL B 123 -13.47 5.32 18.42
N ILE B 124 -14.05 4.16 18.14
CA ILE B 124 -14.73 3.35 19.15
C ILE B 124 -14.02 2.01 19.26
N GLY B 125 -14.00 1.45 20.47
CA GLY B 125 -13.35 0.18 20.66
C GLY B 125 -13.53 -0.33 22.09
N THR B 126 -12.80 -1.38 22.42
CA THR B 126 -12.87 -1.99 23.75
C THR B 126 -12.21 -1.11 24.81
N PRO B 127 -12.77 -1.11 26.03
CA PRO B 127 -12.24 -0.30 27.13
C PRO B 127 -10.71 -0.38 27.18
N MET B 128 -10.18 -1.58 26.98
CA MET B 128 -8.74 -1.78 27.01
C MET B 128 -8.08 -0.98 25.87
N THR B 129 -8.65 -1.08 24.67
CA THR B 129 -8.13 -0.39 23.50
C THR B 129 -8.17 1.11 23.63
N VAL B 130 -9.32 1.64 24.03
CA VAL B 130 -9.45 3.07 24.22
C VAL B 130 -8.51 3.53 25.33
N ALA B 131 -8.50 2.81 26.45
CA ALA B 131 -7.64 3.17 27.58
C ALA B 131 -6.19 3.36 27.15
N SER B 132 -5.73 2.55 26.20
CA SER B 132 -4.37 2.63 25.70
C SER B 132 -4.23 3.88 24.85
N ASP B 133 -5.35 4.37 24.34
CA ASP B 133 -5.40 5.54 23.50
C ASP B 133 -4.50 5.40 22.26
N ILE B 134 -4.18 4.15 21.91
CA ILE B 134 -3.32 3.84 20.77
C ILE B 134 -3.75 4.50 19.43
N TYR B 135 -5.05 4.60 19.18
CA TYR B 135 -5.52 5.22 17.93
C TYR B 135 -5.24 6.72 17.80
N ARG B 136 -5.52 7.49 18.84
CA ARG B 136 -5.24 8.93 18.75
C ARG B 136 -3.73 9.11 18.68
N LYS B 137 -3.02 8.29 19.44
CA LYS B 137 -1.57 8.35 19.48
C LYS B 137 -0.94 8.11 18.11
N LYS B 138 -1.38 7.09 17.39
CA LYS B 138 -0.82 6.83 16.05
C LYS B 138 -1.27 7.86 15.04
N ILE B 139 -2.53 8.25 15.09
CA ILE B 139 -3.05 9.27 14.18
C ILE B 139 -2.22 10.55 14.38
N GLN B 140 -2.17 11.05 15.60
CA GLN B 140 -1.43 12.29 15.86
C GLN B 140 0.08 12.14 15.68
N LEU B 141 0.56 10.91 15.69
CA LEU B 141 1.97 10.63 15.47
C LEU B 141 2.30 10.92 14.00
N LEU B 142 1.36 10.61 13.11
CA LEU B 142 1.55 10.85 11.67
C LEU B 142 1.10 12.26 11.27
N ALA B 143 -0.02 12.69 11.83
CA ALA B 143 -0.59 14.00 11.52
C ALA B 143 -1.01 14.63 12.86
N PRO B 144 -0.09 15.34 13.51
CA PRO B 144 -0.25 16.02 14.80
C PRO B 144 -1.42 16.96 15.01
N SER B 145 -1.91 17.62 13.96
CA SER B 145 -3.02 18.54 14.16
C SER B 145 -4.42 17.95 14.00
N ILE B 146 -4.51 16.65 13.74
CA ILE B 146 -5.81 16.00 13.62
C ILE B 146 -6.46 15.74 14.96
N GLN B 147 -7.73 16.15 15.07
CA GLN B 147 -8.53 15.99 16.30
C GLN B 147 -9.05 14.57 16.40
N VAL B 148 -8.93 13.97 17.58
CA VAL B 148 -9.40 12.61 17.76
C VAL B 148 -10.25 12.40 19.02
N ARG B 149 -11.46 11.88 18.83
CA ARG B 149 -12.39 11.58 19.93
C ARG B 149 -12.57 10.06 20.04
N SER B 150 -12.09 9.47 21.13
CA SER B 150 -12.16 8.01 21.36
C SER B 150 -13.28 7.59 22.33
N LEU B 151 -14.25 6.83 21.86
CA LEU B 151 -15.35 6.38 22.71
C LEU B 151 -15.17 4.96 23.24
N ALA B 152 -15.92 4.64 24.29
CA ALA B 152 -15.86 3.32 24.93
C ALA B 152 -17.16 2.55 24.66
N CYS B 153 -17.03 1.26 24.35
CA CYS B 153 -18.20 0.42 24.06
C CYS B 153 -18.02 -1.02 24.55
N PRO B 154 -18.03 -1.23 25.87
CA PRO B 154 -17.87 -2.57 26.45
C PRO B 154 -19.10 -3.45 26.26
N LYS B 155 -20.19 -2.84 25.80
CA LYS B 155 -21.44 -3.57 25.56
C LYS B 155 -21.38 -4.31 24.23
N PHE B 156 -20.52 -3.84 23.32
CA PHE B 156 -20.38 -4.46 22.01
C PHE B 156 -19.55 -5.74 22.08
N VAL B 157 -20.19 -6.88 22.36
CA VAL B 157 -19.48 -8.16 22.42
C VAL B 157 -19.71 -8.92 21.12
N PRO B 158 -18.79 -9.85 20.77
CA PRO B 158 -18.91 -10.64 19.54
C PRO B 158 -20.23 -11.39 19.38
N ILE B 159 -21.01 -10.99 18.38
CA ILE B 159 -22.28 -11.65 18.07
C ILE B 159 -21.97 -12.38 16.78
N VAL B 160 -22.45 -13.62 16.65
CA VAL B 160 -22.15 -14.38 15.45
C VAL B 160 -22.92 -13.89 14.23
N GLU B 161 -24.25 -13.87 14.31
CA GLU B 161 -25.05 -13.41 13.19
C GLU B 161 -25.90 -12.23 13.62
N SER B 162 -25.24 -11.15 14.00
CA SER B 162 -25.92 -9.95 14.45
C SER B 162 -27.00 -9.51 13.45
N ASN B 163 -26.81 -9.85 12.18
CA ASN B 163 -27.75 -9.49 11.13
C ASN B 163 -29.11 -10.15 11.33
N GLU B 164 -29.11 -11.32 11.98
CA GLU B 164 -30.34 -12.06 12.24
C GLU B 164 -31.20 -11.39 13.31
N MET B 165 -30.65 -10.41 14.00
CA MET B 165 -31.39 -9.69 15.02
C MET B 165 -32.13 -8.52 14.36
N CYS B 166 -33.34 -8.24 14.85
CA CYS B 166 -34.11 -7.15 14.28
C CYS B 166 -33.27 -5.89 14.24
N SER B 167 -33.13 -5.34 13.04
CA SER B 167 -32.34 -4.14 12.84
C SER B 167 -32.75 -2.99 13.77
N SER B 168 -34.05 -2.85 14.05
CA SER B 168 -34.50 -1.77 14.94
C SER B 168 -34.06 -2.04 16.38
N ILE B 169 -33.76 -3.30 16.69
CA ILE B 169 -33.29 -3.65 18.04
C ILE B 169 -31.82 -3.28 18.11
N ALA B 170 -31.10 -3.64 17.06
CA ALA B 170 -29.67 -3.35 16.99
C ALA B 170 -29.42 -1.85 16.96
N LYS B 171 -30.28 -1.10 16.27
CA LYS B 171 -30.11 0.35 16.17
C LYS B 171 -30.19 1.01 17.55
N LYS B 172 -31.17 0.59 18.35
CA LYS B 172 -31.33 1.15 19.68
C LYS B 172 -30.11 0.84 20.55
N ILE B 173 -29.67 -0.41 20.52
CA ILE B 173 -28.52 -0.86 21.28
C ILE B 173 -27.22 -0.17 20.82
N VAL B 174 -27.06 -0.03 19.50
CA VAL B 174 -25.86 0.61 18.96
C VAL B 174 -25.86 2.07 19.41
N TYR B 175 -26.89 2.81 19.00
CA TYR B 175 -26.99 4.20 19.38
C TYR B 175 -26.73 4.43 20.88
N ASP B 176 -27.29 3.55 21.70
CA ASP B 176 -27.13 3.64 23.14
C ASP B 176 -25.67 3.75 23.59
N SER B 177 -24.76 3.25 22.77
CA SER B 177 -23.33 3.31 23.08
C SER B 177 -22.65 4.44 22.32
N LEU B 178 -23.09 4.66 21.08
CA LEU B 178 -22.51 5.67 20.20
C LEU B 178 -23.17 7.05 20.25
N ALA B 179 -24.03 7.27 21.23
CA ALA B 179 -24.73 8.54 21.36
C ALA B 179 -23.81 9.75 21.53
N PRO B 180 -22.84 9.69 22.47
CA PRO B 180 -21.94 10.81 22.69
C PRO B 180 -21.21 11.30 21.43
N LEU B 181 -20.86 10.37 20.56
CA LEU B 181 -20.16 10.68 19.33
C LEU B 181 -21.04 11.23 18.20
N VAL B 182 -22.33 10.91 18.25
CA VAL B 182 -23.27 11.35 17.23
C VAL B 182 -23.16 12.87 16.97
N GLY B 183 -22.84 13.22 15.73
CA GLY B 183 -22.69 14.61 15.36
C GLY B 183 -21.29 15.14 15.63
N ILE B 185 -18.05 14.31 14.82
CA ILE B 185 -16.93 13.73 14.05
C ILE B 185 -17.32 13.46 12.61
N ASP B 186 -16.40 13.66 11.69
CA ASP B 186 -16.64 13.43 10.26
C ASP B 186 -16.09 12.08 9.77
N THR B 187 -15.44 11.34 10.68
CA THR B 187 -14.85 10.05 10.35
C THR B 187 -14.85 9.19 11.59
N LEU B 188 -15.30 7.95 11.46
CA LEU B 188 -15.33 7.05 12.60
C LEU B 188 -14.51 5.79 12.33
N VAL B 189 -13.55 5.52 13.22
CA VAL B 189 -12.70 4.35 13.06
C VAL B 189 -13.25 3.20 13.91
N LEU B 190 -13.37 2.04 13.30
CA LEU B 190 -13.88 0.87 14.00
C LEU B 190 -12.71 0.18 14.69
N GLY B 191 -12.40 0.64 15.89
CA GLY B 191 -11.28 0.13 16.67
C GLY B 191 -11.38 -1.24 17.32
N CYS B 192 -12.27 -2.09 16.81
CA CYS B 192 -12.41 -3.45 17.33
C CYS B 192 -12.64 -4.32 16.10
N THR B 193 -11.94 -5.44 16.04
CA THR B 193 -12.04 -6.34 14.90
C THR B 193 -13.42 -6.92 14.58
N HIS B 194 -14.30 -7.08 15.57
CA HIS B 194 -15.63 -7.63 15.28
C HIS B 194 -16.69 -6.56 15.02
N TYR B 195 -16.33 -5.30 15.17
CA TYR B 195 -17.27 -4.20 14.94
C TYR B 195 -17.79 -4.12 13.51
N PRO B 196 -16.96 -4.51 12.52
CA PRO B 196 -17.41 -4.44 11.12
C PRO B 196 -18.69 -5.25 10.84
N LEU B 197 -19.00 -6.18 11.73
CA LEU B 197 -20.19 -7.01 11.59
C LEU B 197 -21.45 -6.18 11.91
N LEU B 198 -21.24 -5.05 12.57
CA LEU B 198 -22.33 -4.15 12.94
C LEU B 198 -22.26 -2.88 12.11
N ARG B 199 -21.56 -2.92 10.99
CA ARG B 199 -21.40 -1.74 10.16
C ARG B 199 -22.68 -1.01 9.74
N PRO B 200 -23.60 -1.70 9.06
CA PRO B 200 -24.86 -1.08 8.61
C PRO B 200 -25.58 -0.24 9.67
N ILE B 201 -25.63 -0.73 10.90
CA ILE B 201 -26.30 -0.03 11.99
C ILE B 201 -25.46 1.19 12.35
N ILE B 202 -24.18 0.94 12.62
CA ILE B 202 -23.22 2.00 12.95
C ILE B 202 -23.30 3.09 11.89
N GLN B 203 -23.37 2.69 10.63
CA GLN B 203 -23.44 3.65 9.54
C GLN B 203 -24.72 4.46 9.66
N ASN B 204 -25.82 3.77 9.98
CA ASN B 204 -27.11 4.44 10.13
C ASN B 204 -27.07 5.41 11.31
N VAL B 205 -26.78 4.88 12.50
CA VAL B 205 -26.71 5.69 13.72
C VAL B 205 -25.80 6.91 13.52
N MET B 206 -24.69 6.74 12.82
CA MET B 206 -23.76 7.86 12.61
C MET B 206 -24.11 8.79 11.44
N GLY B 207 -25.18 8.48 10.73
CA GLY B 207 -25.56 9.36 9.63
C GLY B 207 -24.71 9.17 8.40
N PRO B 208 -25.12 9.72 7.25
CA PRO B 208 -24.42 9.62 5.96
C PRO B 208 -23.21 10.50 5.74
N SER B 209 -22.91 11.42 6.65
CA SER B 209 -21.75 12.29 6.45
C SER B 209 -20.52 11.82 7.24
N VAL B 210 -20.60 10.61 7.80
CA VAL B 210 -19.49 10.05 8.55
C VAL B 210 -18.87 8.89 7.79
N LYS B 211 -17.62 9.05 7.38
CA LYS B 211 -16.95 7.98 6.65
C LYS B 211 -16.44 6.99 7.69
N LEU B 212 -16.78 5.72 7.53
CA LEU B 212 -16.35 4.68 8.46
C LEU B 212 -15.04 4.04 8.00
N ILE B 213 -14.12 3.87 8.95
CA ILE B 213 -12.82 3.28 8.65
C ILE B 213 -12.74 1.87 9.21
N ASP B 214 -12.52 0.89 8.34
CA ASP B 214 -12.40 -0.50 8.78
C ASP B 214 -10.93 -0.89 8.83
N SER B 215 -10.34 -0.74 10.01
CA SER B 215 -8.93 -1.03 10.22
C SER B 215 -8.45 -2.38 9.64
N GLY B 216 -9.21 -3.44 9.89
CA GLY B 216 -8.83 -4.76 9.40
C GLY B 216 -8.71 -4.81 7.88
N ALA B 217 -9.61 -4.12 7.20
CA ALA B 217 -9.63 -4.09 5.74
C ALA B 217 -8.49 -3.27 5.18
N GLU B 218 -8.14 -2.20 5.90
CA GLU B 218 -7.04 -1.34 5.51
C GLU B 218 -5.74 -2.10 5.69
N CYS B 219 -5.72 -2.96 6.71
CA CYS B 219 -4.55 -3.79 7.03
C CYS B 219 -4.27 -4.77 5.90
N VAL B 220 -5.32 -5.45 5.45
CA VAL B 220 -5.18 -6.40 4.36
C VAL B 220 -4.61 -5.69 3.10
N ARG B 221 -4.97 -4.43 2.90
CA ARG B 221 -4.46 -3.66 1.75
C ARG B 221 -2.94 -3.45 1.92
N ASP B 222 -2.51 -3.23 3.15
CA ASP B 222 -1.09 -3.06 3.46
C ASP B 222 -0.36 -4.40 3.21
N ILE B 223 -0.95 -5.50 3.68
CA ILE B 223 -0.37 -6.83 3.51
C ILE B 223 0.11 -7.02 2.07
N SER B 224 -0.74 -6.64 1.14
CA SER B 224 -0.45 -6.74 -0.28
C SER B 224 0.85 -6.01 -0.60
N VAL B 225 0.96 -4.75 -0.18
CA VAL B 225 2.16 -3.98 -0.45
C VAL B 225 3.40 -4.65 0.12
N LEU B 226 3.32 -5.15 1.35
CA LEU B 226 4.47 -5.77 1.97
C LEU B 226 4.83 -7.15 1.41
N LEU B 227 3.85 -7.90 0.88
CA LEU B 227 4.18 -9.20 0.30
C LEU B 227 4.97 -8.92 -0.98
N ASN B 228 4.61 -7.83 -1.66
CA ASN B 228 5.34 -7.46 -2.87
C ASN B 228 6.70 -6.93 -2.49
N TYR B 229 6.74 -6.04 -1.52
CA TYR B 229 7.99 -5.45 -1.10
C TYR B 229 9.04 -6.46 -0.68
N PHE B 230 8.63 -7.45 0.11
CA PHE B 230 9.56 -8.48 0.56
C PHE B 230 9.65 -9.63 -0.42
N ASP B 231 8.93 -9.52 -1.53
CA ASP B 231 8.95 -10.55 -2.55
C ASP B 231 8.61 -11.92 -1.98
N ILE B 232 7.46 -12.01 -1.32
CA ILE B 232 7.02 -13.27 -0.72
C ILE B 232 5.56 -13.59 -1.08
N ASN B 233 5.15 -13.20 -2.29
CA ASN B 233 3.79 -13.49 -2.74
C ASN B 233 3.63 -14.99 -2.93
N GLY B 234 2.41 -15.48 -2.72
CA GLY B 234 2.14 -16.89 -2.93
C GLY B 234 1.80 -17.11 -4.39
N ASN B 235 1.32 -18.31 -4.71
CA ASN B 235 0.96 -18.69 -6.08
C ASN B 235 -0.41 -18.12 -6.45
N TYR B 236 -0.43 -17.19 -7.39
CA TYR B 236 -1.66 -16.55 -7.83
C TYR B 236 -2.67 -17.43 -8.56
N HIS B 237 -2.19 -18.49 -9.18
CA HIS B 237 -3.08 -19.31 -9.97
C HIS B 237 -3.74 -20.49 -9.25
N GLN B 238 -4.15 -20.26 -8.01
CA GLN B 238 -4.81 -21.29 -7.21
C GLN B 238 -5.49 -20.66 -6.00
N LYS B 239 -6.50 -21.34 -5.48
CA LYS B 239 -7.19 -20.85 -4.31
C LYS B 239 -6.67 -21.58 -3.09
N ALA B 240 -6.11 -20.84 -2.13
CA ALA B 240 -5.60 -21.46 -0.93
C ALA B 240 -6.80 -22.17 -0.28
N VAL B 241 -6.62 -23.44 0.09
CA VAL B 241 -7.69 -24.20 0.72
C VAL B 241 -7.18 -24.96 1.94
N GLU B 242 -5.92 -24.70 2.32
CA GLU B 242 -5.33 -25.38 3.48
C GLU B 242 -5.07 -24.47 4.66
N HIS B 243 -6.10 -23.72 5.06
CA HIS B 243 -5.99 -22.79 6.18
C HIS B 243 -6.03 -23.57 7.50
N ARG B 244 -5.42 -23.04 8.54
CA ARG B 244 -5.42 -23.72 9.84
C ARG B 244 -5.87 -22.77 10.94
N PHE B 245 -6.92 -23.14 11.67
CA PHE B 245 -7.42 -22.32 12.75
C PHE B 245 -7.21 -23.00 14.09
N PHE B 246 -6.61 -22.27 15.02
CA PHE B 246 -6.36 -22.80 16.34
C PHE B 246 -6.90 -21.91 17.43
N THR B 247 -7.12 -22.50 18.60
CA THR B 247 -7.59 -21.76 19.77
C THR B 247 -7.09 -22.45 21.02
N THR B 248 -6.89 -21.65 22.05
CA THR B 248 -6.43 -22.13 23.33
C THR B 248 -7.64 -22.43 24.21
N ALA B 249 -8.83 -22.13 23.68
CA ALA B 249 -10.06 -22.35 24.42
C ALA B 249 -11.10 -23.23 23.72
N ASN B 250 -12.35 -23.07 24.13
CA ASN B 250 -13.46 -23.85 23.59
C ASN B 250 -13.44 -24.01 22.09
N PRO B 251 -12.90 -25.15 21.60
CA PRO B 251 -12.83 -25.39 20.15
C PRO B 251 -14.21 -25.50 19.52
N GLU B 252 -15.18 -25.97 20.30
CA GLU B 252 -16.55 -26.13 19.80
C GLU B 252 -17.20 -24.79 19.46
N ILE B 253 -17.20 -23.86 20.40
CA ILE B 253 -17.82 -22.57 20.14
C ILE B 253 -17.06 -21.87 19.00
N PHE B 254 -15.75 -22.08 18.96
CA PHE B 254 -14.91 -21.44 17.94
C PHE B 254 -15.29 -21.85 16.52
N GLN B 255 -15.35 -23.14 16.25
CA GLN B 255 -15.69 -23.60 14.91
C GLN B 255 -17.03 -23.01 14.46
N GLU B 256 -18.02 -23.06 15.34
CA GLU B 256 -19.34 -22.51 15.04
C GLU B 256 -19.22 -21.05 14.62
N ILE B 257 -18.42 -20.30 15.37
CA ILE B 257 -18.26 -18.89 15.05
C ILE B 257 -17.55 -18.72 13.71
N ALA B 258 -16.44 -19.42 13.54
CA ALA B 258 -15.65 -19.33 12.32
C ALA B 258 -16.38 -19.83 11.07
N SER B 259 -17.12 -20.93 11.19
CA SER B 259 -17.85 -21.49 10.07
C SER B 259 -18.88 -20.51 9.53
N ILE B 260 -19.45 -19.71 10.43
CA ILE B 260 -20.46 -18.75 10.04
C ILE B 260 -19.83 -17.50 9.42
N TRP B 261 -18.76 -17.01 10.02
CA TRP B 261 -18.09 -15.82 9.52
C TRP B 261 -17.35 -16.04 8.20
N LEU B 262 -16.80 -17.23 8.01
CA LEU B 262 -16.09 -17.54 6.78
C LEU B 262 -17.00 -18.18 5.72
N LYS B 263 -18.27 -18.34 6.07
CA LYS B 263 -19.24 -18.93 5.15
C LYS B 263 -18.69 -20.23 4.56
N GLN B 264 -18.25 -21.13 5.43
CA GLN B 264 -17.72 -22.41 5.03
C GLN B 264 -17.33 -23.17 6.29
N LYS B 265 -17.66 -24.45 6.34
CA LYS B 265 -17.34 -25.25 7.52
C LYS B 265 -15.83 -25.39 7.64
N ILE B 266 -15.25 -24.64 8.57
CA ILE B 266 -13.81 -24.71 8.81
C ILE B 266 -13.59 -25.59 10.02
N ASN B 267 -12.44 -26.26 10.07
CA ASN B 267 -12.14 -27.12 11.22
C ASN B 267 -11.05 -26.51 12.08
N VAL B 268 -11.35 -26.39 13.37
CA VAL B 268 -10.43 -25.81 14.33
C VAL B 268 -9.71 -26.88 15.14
N GLU B 269 -8.64 -26.48 15.83
CA GLU B 269 -7.90 -27.41 16.65
C GLU B 269 -7.52 -26.71 17.95
N HIS B 270 -7.90 -27.32 19.06
CA HIS B 270 -7.57 -26.73 20.35
C HIS B 270 -6.11 -26.99 20.66
N VAL B 271 -5.42 -25.98 21.17
CA VAL B 271 -4.01 -26.12 21.51
C VAL B 271 -3.78 -25.60 22.92
N THR B 272 -2.80 -26.18 23.61
CA THR B 272 -2.47 -25.73 24.95
C THR B 272 -1.10 -25.06 24.87
N LEU B 273 -1.09 -23.75 24.99
CA LEU B 273 0.14 -22.96 24.92
C LEU B 273 1.16 -23.35 25.98
S SO4 C . 12.82 8.88 -19.44
O1 SO4 C . 13.21 9.70 -20.61
O2 SO4 C . 11.39 8.49 -19.58
O3 SO4 C . 13.65 7.66 -19.36
O4 SO4 C . 13.01 9.68 -18.21
S SO4 D . -9.93 -6.26 19.91
O1 SO4 D . -8.63 -5.97 20.55
O2 SO4 D . -10.99 -5.49 20.60
O3 SO4 D . -9.89 -5.89 18.48
O4 SO4 D . -10.21 -7.71 20.04
#